data_5F3D
#
_entry.id   5F3D
#
_cell.length_a   53.902
_cell.length_b   49.029
_cell.length_c   60.520
_cell.angle_alpha   90.00
_cell.angle_beta   105.40
_cell.angle_gamma   90.00
#
_symmetry.space_group_name_H-M   'P 1 21 1'
#
loop_
_entity.id
_entity.type
_entity.pdbx_description
1 polymer 'Quinolinate synthase A'
2 non-polymer 'IRON/SULFUR CLUSTER'
3 non-polymer '2-IMINO,3-CARBOXY,5-OXO,6-HYDROXY HEXANOIC ACID'
4 non-polymer 'SULFATE ION'
5 water water
#
_entity_poly.entity_id   1
_entity_poly.type   'polypeptide(L)'
_entity_poly.pdbx_seq_one_letter_code
;MHHHHHHMVDEILKLKKEKGYIILAHNYQIPELQDIADFVGDSLQLARKAMELSEKKILFLGVDFMAELVKILNPDKKVI
VPDRSATCPMANRLTPEIIREYREKFPDAPVVLFVNSTSECKTLADVICTSANAVEVVKKLDSSVVIFGPDRNLGEYVAE
KTGKKVITIPENGHCPVHQFNAESIDAVRKKYPDAKVIVHPECPKPVRDKADYVGSTGQMEKIPERDPSRIFVIGTEIGM
IHKLKKKFPDREFVPLEMAVCVNMKKNTLENTLHALQTESFEVILPKEVIEKAKKPILRMFELMG
;
_entity_poly.pdbx_strand_id   A
#
loop_
_chem_comp.id
_chem_comp.type
_chem_comp.name
_chem_comp.formula
5UK non-polymer '2-IMINO,3-CARBOXY,5-OXO,6-HYDROXY HEXANOIC ACID' 'C7 H9 N O6'
SF4 non-polymer 'IRON/SULFUR CLUSTER' 'Fe4 S4'
SO4 non-polymer 'SULFATE ION' 'O4 S -2'
#
# COMPACT_ATOMS: atom_id res chain seq x y z
N HIS A 3 -28.18 7.23 -13.86
CA HIS A 3 -27.36 6.57 -12.79
C HIS A 3 -27.54 7.29 -11.44
N HIS A 4 -28.24 6.64 -10.51
CA HIS A 4 -28.43 7.10 -9.10
C HIS A 4 -27.26 7.83 -8.36
N HIS A 5 -26.01 7.41 -8.60
CA HIS A 5 -24.76 8.02 -8.05
C HIS A 5 -24.29 9.28 -8.78
N HIS A 6 -24.84 9.55 -9.97
CA HIS A 6 -24.33 10.64 -10.79
C HIS A 6 -24.36 11.98 -10.09
N HIS A 7 -25.28 12.16 -9.13
N HIS A 7 -25.28 12.20 -9.14
CA HIS A 7 -25.29 13.34 -8.29
CA HIS A 7 -25.22 13.40 -8.32
C HIS A 7 -23.98 13.50 -7.45
C HIS A 7 -23.90 13.49 -7.53
N MET A 8 -23.54 12.42 -6.82
CA MET A 8 -22.29 12.42 -6.03
C MET A 8 -21.09 12.50 -6.94
N VAL A 9 -21.05 11.66 -7.97
CA VAL A 9 -19.95 11.63 -8.92
C VAL A 9 -19.76 13.01 -9.53
N ASP A 10 -20.84 13.60 -10.04
CA ASP A 10 -20.76 14.89 -10.71
C ASP A 10 -20.33 16.01 -9.78
N GLU A 11 -20.78 15.98 -8.52
CA GLU A 11 -20.42 17.07 -7.62
CA GLU A 11 -20.45 17.04 -7.58
C GLU A 11 -18.99 16.93 -7.15
N ILE A 12 -18.53 15.69 -6.95
CA ILE A 12 -17.11 15.41 -6.67
C ILE A 12 -16.22 15.99 -7.77
N LEU A 13 -16.55 15.71 -9.03
CA LEU A 13 -15.72 16.14 -10.16
C LEU A 13 -15.77 17.65 -10.28
N LYS A 14 -16.91 18.22 -9.93
CA LYS A 14 -17.07 19.67 -9.93
C LYS A 14 -16.21 20.37 -8.86
N LEU A 15 -16.34 19.90 -7.64
CA LEU A 15 -15.65 20.53 -6.52
C LEU A 15 -14.15 20.38 -6.63
N LYS A 16 -13.72 19.18 -7.06
CA LYS A 16 -12.31 18.88 -7.31
C LYS A 16 -11.70 19.91 -8.21
N LYS A 17 -12.38 20.20 -9.31
CA LYS A 17 -11.88 21.14 -10.28
C LYS A 17 -11.93 22.56 -9.69
N GLU A 18 -13.06 22.90 -9.09
CA GLU A 18 -13.29 24.25 -8.60
C GLU A 18 -12.34 24.65 -7.47
N LYS A 19 -12.04 23.72 -6.57
CA LYS A 19 -11.17 24.00 -5.44
C LYS A 19 -9.70 23.63 -5.64
N GLY A 20 -9.36 23.10 -6.80
CA GLY A 20 -7.96 22.84 -7.16
C GLY A 20 -7.34 21.61 -6.52
N TYR A 21 -8.18 20.61 -6.20
CA TYR A 21 -7.68 19.35 -5.67
C TYR A 21 -7.23 18.40 -6.77
N ILE A 22 -6.29 17.54 -6.41
CA ILE A 22 -5.97 16.35 -7.20
C ILE A 22 -6.32 15.19 -6.29
N ILE A 23 -7.02 14.19 -6.81
CA ILE A 23 -7.46 13.05 -6.04
C ILE A 23 -6.56 11.86 -6.35
N LEU A 24 -5.91 11.35 -5.30
CA LEU A 24 -5.06 10.17 -5.33
C LEU A 24 -5.74 9.05 -4.57
N ALA A 25 -5.89 7.88 -5.21
CA ALA A 25 -6.50 6.73 -4.62
C ALA A 25 -5.61 5.51 -4.64
N HIS A 26 -5.63 4.76 -3.54
CA HIS A 26 -4.96 3.50 -3.48
C HIS A 26 -5.79 2.42 -4.22
N ASN A 27 -5.08 1.41 -4.73
CA ASN A 27 -5.68 0.29 -5.46
C ASN A 27 -6.78 -0.46 -4.70
N TYR A 28 -6.89 -0.30 -3.39
CA TYR A 28 -7.86 -1.06 -2.60
C TYR A 28 -9.12 -0.23 -2.30
N GLN A 29 -9.22 0.99 -2.84
CA GLN A 29 -10.43 1.77 -2.69
C GLN A 29 -11.53 1.15 -3.55
N ILE A 30 -12.79 1.39 -3.16
CA ILE A 30 -13.94 0.90 -3.93
C ILE A 30 -13.87 1.37 -5.38
N PRO A 31 -14.44 0.58 -6.31
CA PRO A 31 -14.38 0.94 -7.71
C PRO A 31 -14.85 2.35 -8.00
N GLU A 32 -15.91 2.78 -7.30
CA GLU A 32 -16.56 4.07 -7.57
C GLU A 32 -15.60 5.23 -7.25
N LEU A 33 -14.77 5.07 -6.23
CA LEU A 33 -13.73 6.05 -5.90
C LEU A 33 -12.52 5.94 -6.83
N GLN A 34 -12.07 4.72 -7.16
CA GLN A 34 -11.01 4.60 -8.20
C GLN A 34 -11.43 5.36 -9.46
N ASP A 35 -12.71 5.24 -9.83
CA ASP A 35 -13.19 5.86 -11.07
C ASP A 35 -13.25 7.39 -11.05
N ILE A 36 -13.28 8.04 -9.87
CA ILE A 36 -13.24 9.51 -9.83
C ILE A 36 -11.87 10.05 -9.51
N ALA A 37 -10.91 9.17 -9.23
CA ALA A 37 -9.58 9.63 -8.90
C ALA A 37 -8.82 10.11 -10.11
N ASP A 38 -7.92 11.06 -9.89
CA ASP A 38 -6.98 11.47 -10.95
C ASP A 38 -5.87 10.48 -11.15
N PHE A 39 -5.49 9.81 -10.08
CA PHE A 39 -4.41 8.85 -10.17
CA PHE A 39 -4.40 8.84 -10.17
C PHE A 39 -4.71 7.74 -9.18
N VAL A 40 -4.55 6.50 -9.63
CA VAL A 40 -4.77 5.32 -8.82
C VAL A 40 -3.53 4.45 -8.86
N GLY A 41 -3.07 3.98 -7.69
CA GLY A 41 -1.84 3.21 -7.64
C GLY A 41 -1.57 2.65 -6.23
N ASP A 42 -0.43 2.04 -6.09
CA ASP A 42 0.06 1.54 -4.80
C ASP A 42 0.70 2.65 -4.02
N SER A 43 1.13 2.36 -2.80
CA SER A 43 1.73 3.36 -1.95
C SER A 43 2.94 4.04 -2.60
N LEU A 44 3.77 3.26 -3.30
CA LEU A 44 5.02 3.79 -3.90
C LEU A 44 4.69 4.78 -5.01
N GLN A 45 3.80 4.35 -5.90
CA GLN A 45 3.39 5.17 -7.02
C GLN A 45 2.71 6.44 -6.52
N LEU A 46 1.88 6.36 -5.48
CA LEU A 46 1.16 7.54 -5.01
C LEU A 46 2.13 8.52 -4.36
N ALA A 47 3.16 7.98 -3.71
CA ALA A 47 4.27 8.76 -3.16
C ALA A 47 5.06 9.50 -4.25
N ARG A 48 5.49 8.76 -5.28
CA ARG A 48 6.16 9.36 -6.40
C ARG A 48 5.30 10.45 -6.99
N LYS A 49 4.03 10.15 -7.27
CA LYS A 49 3.15 11.11 -7.93
C LYS A 49 2.99 12.37 -7.12
N ALA A 50 2.87 12.20 -5.79
CA ALA A 50 2.73 13.29 -4.85
C ALA A 50 3.86 14.31 -5.02
N MET A 51 5.08 13.82 -5.12
CA MET A 51 6.26 14.68 -5.28
C MET A 51 6.34 15.47 -6.58
N GLU A 52 5.66 15.04 -7.63
CA GLU A 52 5.77 15.73 -8.91
C GLU A 52 4.54 16.53 -9.35
N LEU A 53 3.43 16.41 -8.65
CA LEU A 53 2.24 17.17 -9.01
C LEU A 53 2.43 18.66 -8.65
N SER A 54 1.80 19.50 -9.48
CA SER A 54 1.90 20.93 -9.35
C SER A 54 0.85 21.50 -8.45
N GLU A 55 -0.26 20.78 -8.26
CA GLU A 55 -1.39 21.24 -7.42
C GLU A 55 -0.95 21.36 -5.98
N LYS A 56 -1.59 22.27 -5.24
CA LYS A 56 -1.27 22.50 -3.83
C LYS A 56 -2.23 21.81 -2.84
N LYS A 57 -3.23 21.09 -3.35
CA LYS A 57 -4.25 20.47 -2.57
C LYS A 57 -4.48 19.03 -3.03
N ILE A 58 -4.42 18.09 -2.10
CA ILE A 58 -4.54 16.66 -2.39
C ILE A 58 -5.66 16.06 -1.53
N LEU A 59 -6.55 15.35 -2.18
CA LEU A 59 -7.51 14.51 -1.52
C LEU A 59 -6.99 13.12 -1.66
N PHE A 60 -6.55 12.56 -0.53
CA PHE A 60 -6.02 11.22 -0.50
C PHE A 60 -7.06 10.18 -0.03
N LEU A 61 -7.18 9.09 -0.80
CA LEU A 61 -8.14 8.01 -0.57
C LEU A 61 -7.43 6.70 -0.33
N GLY A 62 -7.26 6.39 0.96
CA GLY A 62 -6.52 5.22 1.37
C GLY A 62 -6.57 5.16 2.89
N VAL A 63 -5.42 4.92 3.49
CA VAL A 63 -5.41 4.84 4.96
C VAL A 63 -4.39 5.84 5.46
N ASP A 64 -4.42 6.14 6.76
CA ASP A 64 -3.73 7.31 7.29
C ASP A 64 -2.22 7.34 7.11
N PHE A 65 -1.54 6.24 7.36
CA PHE A 65 -0.10 6.15 7.23
C PHE A 65 0.34 6.57 5.82
N MET A 66 -0.46 6.18 4.83
CA MET A 66 -0.18 6.56 3.45
C MET A 66 -0.43 8.02 3.23
N ALA A 67 -1.54 8.55 3.76
CA ALA A 67 -1.82 9.98 3.62
C ALA A 67 -0.71 10.80 4.25
N GLU A 68 -0.22 10.32 5.39
CA GLU A 68 0.82 11.00 6.13
C GLU A 68 2.15 10.95 5.36
N LEU A 69 2.43 9.82 4.69
CA LEU A 69 3.59 9.69 3.79
CA LEU A 69 3.60 9.72 3.83
C LEU A 69 3.55 10.80 2.75
N VAL A 70 2.41 10.96 2.13
CA VAL A 70 2.18 12.03 1.15
C VAL A 70 2.42 13.44 1.73
N LYS A 71 1.94 13.66 2.95
CA LYS A 71 2.13 14.92 3.66
C LYS A 71 3.60 15.19 3.98
N ILE A 72 4.27 14.18 4.50
CA ILE A 72 5.70 14.26 4.83
C ILE A 72 6.54 14.64 3.61
N LEU A 73 6.25 14.05 2.45
CA LEU A 73 6.89 14.44 1.21
C LEU A 73 6.47 15.76 0.60
N ASN A 74 5.31 16.28 1.00
CA ASN A 74 4.77 17.55 0.50
C ASN A 74 4.28 18.44 1.62
N PRO A 75 5.20 18.89 2.47
CA PRO A 75 4.78 19.56 3.70
C PRO A 75 3.95 20.83 3.51
N ASP A 76 4.09 21.47 2.36
CA ASP A 76 3.45 22.75 2.13
C ASP A 76 2.14 22.62 1.33
N LYS A 77 1.80 21.40 0.93
CA LYS A 77 0.48 21.12 0.35
C LYS A 77 -0.54 20.79 1.43
N LYS A 78 -1.79 21.13 1.19
CA LYS A 78 -2.92 20.69 2.01
C LYS A 78 -3.35 19.29 1.58
N VAL A 79 -3.21 18.32 2.48
CA VAL A 79 -3.67 16.97 2.24
C VAL A 79 -4.87 16.73 3.15
N ILE A 80 -5.96 16.29 2.55
CA ILE A 80 -7.14 15.86 3.27
C ILE A 80 -7.56 14.42 2.98
N VAL A 81 -8.30 13.84 3.93
CA VAL A 81 -8.86 12.49 3.85
C VAL A 81 -10.33 12.50 4.30
N PRO A 82 -11.15 11.64 3.68
CA PRO A 82 -12.59 11.63 4.03
C PRO A 82 -12.93 11.02 5.37
N ASP A 83 -12.15 10.03 5.77
CA ASP A 83 -12.37 9.33 7.03
C ASP A 83 -11.03 9.34 7.77
N ARG A 84 -10.95 10.15 8.82
CA ARG A 84 -9.74 10.28 9.62
CA ARG A 84 -9.74 10.28 9.62
C ARG A 84 -9.42 9.04 10.43
N SER A 85 -10.34 8.09 10.53
CA SER A 85 -10.06 6.81 11.26
C SER A 85 -9.52 5.67 10.36
N ALA A 86 -9.53 5.87 9.05
CA ALA A 86 -9.02 4.82 8.14
C ALA A 86 -7.53 4.64 8.38
N THR A 87 -7.18 3.46 8.86
CA THR A 87 -5.84 3.13 9.25
C THR A 87 -5.51 1.67 8.94
N CYS A 88 -4.29 1.24 9.24
CA CYS A 88 -3.89 -0.15 9.07
C CYS A 88 -3.63 -0.71 10.48
N PRO A 89 -4.40 -1.73 10.92
CA PRO A 89 -4.26 -2.26 12.28
C PRO A 89 -2.95 -2.94 12.59
N MET A 90 -2.26 -3.41 11.55
CA MET A 90 -0.97 -4.05 11.71
CA MET A 90 -0.95 -4.05 11.67
C MET A 90 0.09 -3.11 12.31
N ALA A 91 0.08 -1.86 11.90
CA ALA A 91 1.07 -0.87 12.35
C ALA A 91 1.11 -0.69 13.85
N ASN A 92 -0.05 -0.69 14.46
CA ASN A 92 -0.18 -0.11 15.78
C ASN A 92 0.34 -1.03 16.91
N ARG A 93 0.61 -2.29 16.55
CA ARG A 93 1.43 -3.14 17.39
C ARG A 93 2.93 -2.76 17.42
N LEU A 94 3.44 -2.10 16.36
CA LEU A 94 4.85 -1.67 16.32
C LEU A 94 5.00 -0.31 16.98
N THR A 95 5.82 -0.24 18.02
CA THR A 95 6.04 0.98 18.80
C THR A 95 7.51 1.47 18.79
N PRO A 96 7.75 2.74 19.19
CA PRO A 96 9.12 3.29 19.41
C PRO A 96 9.99 2.48 20.34
N GLU A 97 9.40 2.02 21.44
CA GLU A 97 10.14 1.25 22.44
C GLU A 97 10.53 -0.12 21.88
N ILE A 98 9.70 -0.72 21.03
CA ILE A 98 10.13 -1.94 20.35
C ILE A 98 11.31 -1.65 19.41
N ILE A 99 11.18 -0.62 18.58
CA ILE A 99 12.27 -0.26 17.68
C ILE A 99 13.55 -0.01 18.50
N ARG A 100 13.48 0.83 19.53
CA ARG A 100 14.67 1.09 20.40
C ARG A 100 15.31 -0.16 21.00
N GLU A 101 14.48 -1.03 21.59
CA GLU A 101 14.92 -2.33 22.13
C GLU A 101 15.71 -3.12 21.10
N TYR A 102 15.21 -3.19 19.87
CA TYR A 102 15.84 -4.04 18.87
C TYR A 102 17.08 -3.36 18.34
N ARG A 103 17.06 -2.03 18.19
CA ARG A 103 18.28 -1.29 17.83
C ARG A 103 19.47 -1.58 18.76
N GLU A 104 19.19 -1.57 20.07
CA GLU A 104 20.22 -1.83 21.09
C GLU A 104 20.74 -3.24 20.98
N LYS A 105 19.79 -4.17 20.92
CA LYS A 105 20.05 -5.59 20.77
C LYS A 105 20.88 -5.87 19.51
N PHE A 106 20.57 -5.22 18.38
CA PHE A 106 21.27 -5.46 17.10
C PHE A 106 21.78 -4.15 16.46
N PRO A 107 22.82 -3.52 17.08
CA PRO A 107 23.36 -2.20 16.73
C PRO A 107 23.59 -1.92 15.25
N ASP A 108 24.11 -2.91 14.55
CA ASP A 108 24.52 -2.71 13.19
C ASP A 108 23.49 -3.23 12.18
N ALA A 109 22.28 -3.53 12.65
CA ALA A 109 21.17 -3.90 11.76
C ALA A 109 20.36 -2.63 11.44
N PRO A 110 20.37 -2.17 10.18
CA PRO A 110 19.46 -1.11 9.76
C PRO A 110 17.97 -1.47 10.02
N VAL A 111 17.19 -0.45 10.38
CA VAL A 111 15.80 -0.62 10.71
C VAL A 111 15.07 -0.26 9.45
N VAL A 112 14.45 -1.25 8.84
CA VAL A 112 13.66 -1.07 7.63
C VAL A 112 12.18 -1.13 8.04
N LEU A 113 11.46 -0.03 7.87
CA LEU A 113 10.04 0.01 8.21
C LEU A 113 9.17 0.11 6.96
N PHE A 114 8.13 -0.71 6.96
CA PHE A 114 7.15 -0.80 5.88
C PHE A 114 6.28 0.44 5.98
N VAL A 115 5.75 0.87 4.85
CA VAL A 115 4.95 2.09 4.78
C VAL A 115 3.79 2.14 5.81
N ASN A 116 3.21 0.99 6.16
CA ASN A 116 2.15 0.94 7.13
C ASN A 116 2.76 0.81 8.49
N SER A 117 3.22 1.94 8.97
CA SER A 117 3.86 2.07 10.28
C SER A 117 3.48 3.47 10.68
N THR A 118 3.42 3.78 11.96
CA THR A 118 3.11 5.13 12.35
C THR A 118 4.18 6.07 11.86
N SER A 119 3.79 7.32 11.64
CA SER A 119 4.75 8.32 11.27
C SER A 119 5.81 8.51 12.40
N GLU A 120 5.37 8.44 13.65
CA GLU A 120 6.30 8.43 14.77
C GLU A 120 7.34 7.34 14.61
N CYS A 121 6.91 6.12 14.31
CA CYS A 121 7.84 5.01 14.04
C CYS A 121 8.81 5.31 12.90
N LYS A 122 8.32 5.90 11.81
CA LYS A 122 9.17 6.24 10.67
C LYS A 122 10.30 7.17 11.09
N THR A 123 10.06 8.03 12.08
CA THR A 123 11.09 8.90 12.57
C THR A 123 12.29 8.18 13.11
N LEU A 124 12.11 6.91 13.51
CA LEU A 124 13.18 6.09 14.07
C LEU A 124 13.74 5.05 13.08
N ALA A 125 13.30 5.07 11.82
CA ALA A 125 13.72 4.06 10.84
C ALA A 125 15.00 4.54 10.15
N ASP A 126 15.78 3.61 9.63
CA ASP A 126 16.90 3.94 8.69
C ASP A 126 16.42 4.04 7.26
N VAL A 127 15.47 3.21 6.88
CA VAL A 127 14.87 3.32 5.56
C VAL A 127 13.41 2.81 5.58
N ILE A 128 12.57 3.38 4.71
CA ILE A 128 11.19 2.96 4.56
C ILE A 128 11.11 2.12 3.31
N CYS A 129 10.18 1.18 3.26
CA CYS A 129 9.90 0.47 2.02
C CYS A 129 8.40 0.21 1.88
N THR A 130 8.03 -0.13 0.66
CA THR A 130 6.68 -0.61 0.33
C THR A 130 6.82 -2.05 -0.15
N SER A 131 5.69 -2.74 -0.37
CA SER A 131 5.72 -4.15 -0.82
C SER A 131 6.45 -4.25 -2.14
N ALA A 132 6.33 -3.19 -2.94
CA ALA A 132 6.86 -3.18 -4.27
C ALA A 132 8.39 -3.12 -4.31
N ASN A 133 9.03 -2.44 -3.37
CA ASN A 133 10.49 -2.22 -3.40
C ASN A 133 11.23 -2.81 -2.20
N ALA A 134 10.53 -3.54 -1.33
CA ALA A 134 11.15 -4.07 -0.10
C ALA A 134 12.39 -4.92 -0.39
N VAL A 135 12.30 -5.79 -1.38
CA VAL A 135 13.41 -6.69 -1.77
C VAL A 135 14.58 -5.89 -2.30
N GLU A 136 14.30 -4.97 -3.22
CA GLU A 136 15.35 -4.13 -3.83
C GLU A 136 16.08 -3.30 -2.76
N VAL A 137 15.31 -2.68 -1.86
CA VAL A 137 15.88 -1.83 -0.80
C VAL A 137 16.82 -2.62 0.13
N VAL A 138 16.34 -3.76 0.59
CA VAL A 138 17.12 -4.59 1.52
C VAL A 138 18.35 -5.18 0.81
N LYS A 139 18.20 -5.60 -0.46
CA LYS A 139 19.36 -6.08 -1.24
C LYS A 139 20.46 -5.01 -1.35
N LYS A 140 20.10 -3.79 -1.69
CA LYS A 140 21.10 -2.73 -1.88
C LYS A 140 21.70 -2.16 -0.59
N LEU A 141 21.09 -2.42 0.56
CA LEU A 141 21.68 -1.98 1.85
C LEU A 141 23.03 -2.62 2.07
N ASP A 142 23.88 -1.95 2.84
CA ASP A 142 25.20 -2.48 3.19
C ASP A 142 25.17 -3.17 4.55
N SER A 143 24.42 -4.27 4.62
CA SER A 143 24.37 -5.10 5.82
C SER A 143 23.76 -6.41 5.41
N SER A 144 24.17 -7.50 6.06
CA SER A 144 23.59 -8.82 5.81
C SER A 144 22.44 -9.08 6.77
N VAL A 145 22.22 -8.16 7.72
CA VAL A 145 21.15 -8.26 8.71
C VAL A 145 20.35 -6.97 8.78
N VAL A 146 19.02 -7.10 8.81
CA VAL A 146 18.14 -5.95 8.98
C VAL A 146 17.05 -6.26 9.98
N ILE A 147 16.60 -5.20 10.66
CA ILE A 147 15.39 -5.20 11.44
C ILE A 147 14.28 -4.76 10.49
N PHE A 148 13.15 -5.43 10.55
CA PHE A 148 12.09 -5.21 9.58
C PHE A 148 10.75 -5.24 10.26
N GLY A 149 9.87 -4.29 9.95
CA GLY A 149 8.51 -4.36 10.48
C GLY A 149 7.54 -3.40 9.81
N PRO A 150 6.23 -3.54 10.05
CA PRO A 150 5.68 -4.54 10.98
C PRO A 150 5.30 -5.88 10.40
N ASP A 151 5.40 -6.10 9.10
CA ASP A 151 4.79 -7.31 8.48
C ASP A 151 5.80 -8.46 8.43
N ARG A 152 5.51 -9.51 9.18
CA ARG A 152 6.38 -10.68 9.32
CA ARG A 152 6.41 -10.66 9.30
C ARG A 152 6.49 -11.43 7.99
N ASN A 153 5.36 -11.66 7.34
CA ASN A 153 5.34 -12.42 6.10
C ASN A 153 6.20 -11.74 5.04
N LEU A 154 6.02 -10.43 4.89
CA LEU A 154 6.81 -9.68 3.97
C LEU A 154 8.28 -9.79 4.34
N GLY A 155 8.60 -9.69 5.63
CA GLY A 155 9.98 -9.74 6.06
C GLY A 155 10.62 -11.09 5.68
N GLU A 156 9.88 -12.16 5.91
CA GLU A 156 10.36 -13.52 5.59
C GLU A 156 10.54 -13.70 4.08
N TYR A 157 9.60 -13.19 3.30
CA TYR A 157 9.74 -13.18 1.85
C TYR A 157 10.99 -12.44 1.42
N VAL A 158 11.28 -11.30 2.07
CA VAL A 158 12.48 -10.53 1.77
C VAL A 158 13.74 -11.33 2.11
N ALA A 159 13.73 -11.97 3.26
CA ALA A 159 14.86 -12.81 3.63
C ALA A 159 15.14 -13.87 2.56
N GLU A 160 14.08 -14.52 2.10
CA GLU A 160 14.17 -15.55 1.07
C GLU A 160 14.79 -15.01 -0.21
N LYS A 161 14.34 -13.85 -0.68
CA LYS A 161 14.80 -13.28 -1.94
C LYS A 161 16.24 -12.76 -1.87
N THR A 162 16.58 -12.09 -0.77
CA THR A 162 17.88 -11.44 -0.65
C THR A 162 18.97 -12.34 -0.12
N GLY A 163 18.58 -13.40 0.60
CA GLY A 163 19.53 -14.23 1.32
C GLY A 163 20.08 -13.63 2.61
N LYS A 164 19.46 -12.56 3.10
CA LYS A 164 19.93 -11.87 4.28
C LYS A 164 19.13 -12.32 5.48
N LYS A 165 19.65 -12.03 6.66
CA LYS A 165 18.91 -12.28 7.88
C LYS A 165 17.97 -11.10 8.14
N VAL A 166 16.67 -11.37 8.23
CA VAL A 166 15.66 -10.38 8.53
C VAL A 166 15.04 -10.63 9.90
N ILE A 167 15.24 -9.69 10.83
CA ILE A 167 14.70 -9.79 12.19
CA ILE A 167 14.69 -9.79 12.20
C ILE A 167 13.37 -9.04 12.27
N THR A 168 12.26 -9.76 12.31
CA THR A 168 10.96 -9.10 12.23
C THR A 168 10.43 -8.59 13.58
N ILE A 169 9.79 -7.42 13.55
CA ILE A 169 9.18 -6.84 14.74
C ILE A 169 7.84 -6.24 14.34
N PRO A 170 6.82 -6.28 15.20
CA PRO A 170 6.82 -6.98 16.48
C PRO A 170 6.61 -8.49 16.26
N GLU A 171 6.17 -9.20 17.29
CA GLU A 171 5.76 -10.60 17.18
C GLU A 171 4.43 -10.73 16.40
N ASN A 172 4.46 -11.56 15.36
CA ASN A 172 3.27 -11.91 14.55
C ASN A 172 2.61 -10.74 13.84
N GLY A 173 3.39 -9.75 13.39
CA GLY A 173 2.81 -8.65 12.61
C GLY A 173 2.34 -9.19 11.26
N HIS A 174 1.06 -9.06 10.95
CA HIS A 174 0.49 -9.69 9.75
C HIS A 174 -0.76 -8.94 9.28
N CYS A 175 -1.02 -9.04 7.98
CA CYS A 175 -2.22 -8.44 7.36
C CYS A 175 -3.34 -9.49 7.23
N PRO A 176 -4.47 -9.30 7.96
CA PRO A 176 -5.61 -10.29 7.96
C PRO A 176 -6.20 -10.51 6.56
N VAL A 177 -6.14 -9.47 5.75
CA VAL A 177 -6.66 -9.52 4.42
C VAL A 177 -5.95 -10.60 3.58
N HIS A 178 -4.65 -10.80 3.78
CA HIS A 178 -3.83 -11.65 2.88
C HIS A 178 -3.61 -13.07 3.40
N GLN A 179 -4.38 -13.47 4.39
CA GLN A 179 -4.33 -14.81 4.94
C GLN A 179 -5.28 -15.67 4.11
N PHE A 180 -4.92 -15.89 2.86
CA PHE A 180 -5.55 -16.88 2.01
C PHE A 180 -4.97 -18.23 2.45
N ASN A 181 -5.71 -19.32 2.23
N ASN A 181 -5.71 -19.31 2.19
CA ASN A 181 -5.19 -20.67 2.49
CA ASN A 181 -5.22 -20.66 2.48
C ASN A 181 -4.79 -21.28 1.15
C ASN A 181 -4.83 -21.31 1.15
N ALA A 182 -3.72 -22.05 1.16
CA ALA A 182 -3.14 -22.61 -0.08
C ALA A 182 -4.08 -23.54 -0.87
N GLU A 183 -5.08 -24.11 -0.19
CA GLU A 183 -6.16 -24.92 -0.81
C GLU A 183 -6.93 -24.17 -1.87
N SER A 184 -7.12 -22.87 -1.68
CA SER A 184 -7.71 -22.07 -2.73
C SER A 184 -6.89 -22.14 -4.02
N ILE A 185 -5.56 -22.18 -3.93
CA ILE A 185 -4.74 -22.32 -5.14
C ILE A 185 -4.92 -23.72 -5.74
N ASP A 186 -4.88 -24.75 -4.88
CA ASP A 186 -5.15 -26.14 -5.31
C ASP A 186 -6.48 -26.22 -6.06
N ALA A 187 -7.55 -25.66 -5.51
CA ALA A 187 -8.86 -25.67 -6.17
C ALA A 187 -8.86 -24.96 -7.53
N VAL A 188 -8.13 -23.84 -7.61
CA VAL A 188 -8.20 -23.00 -8.81
C VAL A 188 -7.34 -23.58 -9.94
N ARG A 189 -6.23 -24.23 -9.58
CA ARG A 189 -5.41 -24.98 -10.58
C ARG A 189 -6.26 -26.01 -11.34
N LYS A 190 -7.13 -26.71 -10.60
CA LYS A 190 -8.01 -27.72 -11.19
CA LYS A 190 -8.03 -27.72 -11.16
C LYS A 190 -9.09 -27.07 -12.06
N LYS A 191 -9.73 -26.03 -11.56
CA LYS A 191 -10.75 -25.30 -12.34
C LYS A 191 -10.22 -24.54 -13.58
N TYR A 192 -9.07 -23.89 -13.47
CA TYR A 192 -8.44 -23.21 -14.61
C TYR A 192 -6.98 -23.60 -14.74
N PRO A 193 -6.68 -24.74 -15.40
CA PRO A 193 -5.30 -25.29 -15.45
C PRO A 193 -4.24 -24.42 -16.12
N ASP A 194 -4.68 -23.51 -16.99
CA ASP A 194 -3.82 -22.57 -17.64
C ASP A 194 -3.80 -21.17 -17.01
N ALA A 195 -4.58 -20.91 -15.96
CA ALA A 195 -4.52 -19.62 -15.27
C ALA A 195 -3.14 -19.42 -14.64
N LYS A 196 -2.68 -18.18 -14.54
CA LYS A 196 -1.50 -17.84 -13.74
C LYS A 196 -1.96 -17.25 -12.40
N VAL A 197 -1.39 -17.75 -11.31
CA VAL A 197 -1.74 -17.33 -9.96
C VAL A 197 -0.70 -16.34 -9.47
N ILE A 198 -1.16 -15.11 -9.19
CA ILE A 198 -0.35 -14.04 -8.64
C ILE A 198 -0.86 -13.71 -7.24
N VAL A 199 0.06 -13.78 -6.26
CA VAL A 199 -0.27 -13.44 -4.89
C VAL A 199 0.71 -12.45 -4.32
N HIS A 200 0.24 -11.76 -3.27
CA HIS A 200 0.94 -10.68 -2.59
C HIS A 200 2.00 -11.27 -1.71
N PRO A 201 3.16 -10.58 -1.54
CA PRO A 201 4.17 -11.08 -0.55
C PRO A 201 3.74 -11.08 0.91
N GLU A 202 2.65 -10.42 1.24
CA GLU A 202 2.05 -10.48 2.58
C GLU A 202 1.28 -11.79 2.84
N CYS A 203 1.00 -12.55 1.77
CA CYS A 203 0.41 -13.86 1.94
C CYS A 203 1.36 -14.80 2.70
N PRO A 204 0.80 -15.77 3.46
CA PRO A 204 1.66 -16.76 4.12
C PRO A 204 2.45 -17.57 3.10
N LYS A 205 3.58 -18.10 3.55
CA LYS A 205 4.54 -18.79 2.71
C LYS A 205 3.98 -19.96 1.85
N PRO A 206 3.08 -20.79 2.42
CA PRO A 206 2.52 -21.87 1.59
C PRO A 206 1.72 -21.37 0.39
N VAL A 207 1.14 -20.17 0.52
CA VAL A 207 0.38 -19.55 -0.57
C VAL A 207 1.35 -19.00 -1.62
N ARG A 208 2.34 -18.24 -1.15
CA ARG A 208 3.44 -17.71 -1.97
C ARG A 208 4.06 -18.83 -2.80
N ASP A 209 4.39 -19.95 -2.13
CA ASP A 209 5.09 -21.08 -2.77
C ASP A 209 4.30 -21.84 -3.83
N LYS A 210 2.97 -21.84 -3.73
CA LYS A 210 2.11 -22.42 -4.77
C LYS A 210 1.76 -21.45 -5.91
N ALA A 211 2.21 -20.19 -5.83
CA ALA A 211 1.88 -19.21 -6.85
C ALA A 211 2.89 -19.24 -7.99
N ASP A 212 2.44 -18.79 -9.15
CA ASP A 212 3.29 -18.58 -10.29
C ASP A 212 4.11 -17.34 -10.12
N TYR A 213 3.48 -16.29 -9.59
CA TYR A 213 4.14 -15.03 -9.27
C TYR A 213 3.82 -14.55 -7.86
N VAL A 214 4.79 -13.90 -7.23
CA VAL A 214 4.56 -13.13 -6.03
C VAL A 214 4.88 -11.69 -6.37
N GLY A 215 3.93 -10.77 -6.13
CA GLY A 215 4.23 -9.36 -6.24
C GLY A 215 3.24 -8.49 -5.52
N SER A 216 3.64 -7.24 -5.34
CA SER A 216 2.83 -6.16 -4.83
C SER A 216 1.78 -5.82 -5.88
N THR A 217 0.80 -4.97 -5.54
CA THR A 217 -0.24 -4.60 -6.53
C THR A 217 0.36 -3.91 -7.77
N GLY A 218 1.32 -3.03 -7.53
CA GLY A 218 2.07 -2.39 -8.63
C GLY A 218 2.71 -3.39 -9.60
N GLN A 219 3.30 -4.45 -9.05
CA GLN A 219 3.90 -5.51 -9.84
C GLN A 219 2.88 -6.42 -10.53
N MET A 220 1.77 -6.71 -9.84
CA MET A 220 0.67 -7.48 -10.44
C MET A 220 0.17 -6.83 -11.71
N GLU A 221 0.08 -5.51 -11.68
CA GLU A 221 -0.46 -4.75 -12.79
C GLU A 221 0.47 -4.77 -13.99
N LYS A 222 1.75 -5.05 -13.78
CA LYS A 222 2.69 -5.11 -14.88
C LYS A 222 2.80 -6.52 -15.43
N ILE A 223 2.46 -7.55 -14.65
CA ILE A 223 2.63 -8.93 -15.12
C ILE A 223 1.96 -9.25 -16.47
N PRO A 224 0.71 -8.79 -16.71
CA PRO A 224 0.11 -9.10 -18.02
C PRO A 224 0.73 -8.36 -19.21
N GLU A 225 1.63 -7.40 -18.96
CA GLU A 225 2.41 -6.79 -20.04
C GLU A 225 3.45 -7.75 -20.63
N ARG A 226 3.89 -8.73 -19.83
CA ARG A 226 4.88 -9.70 -20.28
C ARG A 226 4.36 -11.14 -20.28
N ASP A 227 3.16 -11.39 -19.71
CA ASP A 227 2.65 -12.76 -19.61
C ASP A 227 1.33 -12.76 -20.32
N PRO A 228 1.21 -13.51 -21.45
CA PRO A 228 0.03 -13.43 -22.33
C PRO A 228 -1.19 -14.23 -21.87
N SER A 229 -1.11 -14.87 -20.71
CA SER A 229 -2.18 -15.72 -20.18
C SER A 229 -3.53 -15.05 -20.18
N ARG A 230 -4.56 -15.80 -20.54
CA ARG A 230 -5.92 -15.24 -20.64
C ARG A 230 -6.52 -15.00 -19.28
N ILE A 231 -6.15 -15.82 -18.31
CA ILE A 231 -6.75 -15.80 -16.99
C ILE A 231 -5.65 -15.64 -15.93
N PHE A 232 -5.87 -14.72 -15.00
CA PHE A 232 -5.04 -14.58 -13.82
C PHE A 232 -5.92 -14.69 -12.58
N VAL A 233 -5.41 -15.38 -11.57
CA VAL A 233 -6.07 -15.52 -10.32
C VAL A 233 -5.26 -14.66 -9.35
N ILE A 234 -5.94 -13.79 -8.60
CA ILE A 234 -5.30 -12.68 -7.90
C ILE A 234 -5.52 -12.83 -6.42
N GLY A 235 -4.44 -13.06 -5.69
CA GLY A 235 -4.41 -13.14 -4.23
C GLY A 235 -4.06 -11.82 -3.55
N THR A 236 -4.98 -10.87 -3.62
CA THR A 236 -4.86 -9.64 -2.82
C THR A 236 -6.26 -9.16 -2.52
N GLU A 237 -6.36 -7.94 -1.99
CA GLU A 237 -7.60 -7.29 -1.61
C GLU A 237 -8.40 -6.99 -2.87
N ILE A 238 -9.70 -7.15 -2.75
CA ILE A 238 -10.64 -7.20 -3.87
C ILE A 238 -10.65 -5.98 -4.77
N GLY A 239 -10.29 -4.83 -4.22
CA GLY A 239 -10.20 -3.62 -5.05
C GLY A 239 -9.24 -3.75 -6.24
N MET A 240 -8.23 -4.62 -6.11
CA MET A 240 -7.28 -4.75 -7.23
C MET A 240 -7.89 -5.41 -8.49
N ILE A 241 -8.95 -6.20 -8.31
CA ILE A 241 -9.63 -6.85 -9.44
C ILE A 241 -10.19 -5.83 -10.38
N HIS A 242 -10.84 -4.80 -9.83
CA HIS A 242 -11.41 -3.73 -10.65
C HIS A 242 -10.29 -3.00 -11.43
N LYS A 243 -9.19 -2.71 -10.76
CA LYS A 243 -8.04 -2.02 -11.36
C LYS A 243 -7.49 -2.87 -12.51
N LEU A 244 -7.30 -4.17 -12.27
CA LEU A 244 -6.75 -5.04 -13.31
C LEU A 244 -7.67 -5.16 -14.53
N LYS A 245 -8.97 -5.30 -14.29
CA LYS A 245 -9.93 -5.48 -15.37
C LYS A 245 -9.98 -4.24 -16.26
N LYS A 246 -9.87 -3.08 -15.65
CA LYS A 246 -9.84 -1.82 -16.38
C LYS A 246 -8.57 -1.69 -17.26
N LYS A 247 -7.41 -2.09 -16.75
CA LYS A 247 -6.15 -1.97 -17.47
CA LYS A 247 -6.16 -1.96 -17.49
C LYS A 247 -6.06 -3.00 -18.60
N PHE A 248 -6.61 -4.18 -18.38
CA PHE A 248 -6.51 -5.30 -19.30
C PHE A 248 -7.88 -5.93 -19.52
N PRO A 249 -8.74 -5.24 -20.28
CA PRO A 249 -10.12 -5.69 -20.47
C PRO A 249 -10.25 -6.99 -21.25
N ASP A 250 -9.19 -7.38 -21.96
CA ASP A 250 -9.26 -8.61 -22.74
CA ASP A 250 -9.09 -8.59 -22.77
C ASP A 250 -8.78 -9.83 -21.96
N ARG A 251 -8.37 -9.66 -20.69
CA ARG A 251 -8.03 -10.81 -19.86
C ARG A 251 -9.13 -11.03 -18.81
N GLU A 252 -9.05 -12.13 -18.08
CA GLU A 252 -9.97 -12.44 -17.00
C GLU A 252 -9.22 -12.46 -15.70
N PHE A 253 -9.75 -11.77 -14.70
CA PHE A 253 -9.11 -11.69 -13.38
C PHE A 253 -10.03 -12.26 -12.34
N VAL A 254 -9.56 -13.27 -11.64
CA VAL A 254 -10.38 -14.01 -10.74
C VAL A 254 -9.79 -13.90 -9.37
N PRO A 255 -10.61 -13.48 -8.36
CA PRO A 255 -10.06 -13.40 -7.03
C PRO A 255 -9.68 -14.77 -6.53
N LEU A 256 -8.56 -14.89 -5.84
CA LEU A 256 -8.25 -16.16 -5.23
C LEU A 256 -9.34 -16.51 -4.22
N GLU A 257 -9.64 -15.54 -3.35
CA GLU A 257 -10.84 -15.55 -2.50
C GLU A 257 -11.27 -14.10 -2.38
N MET A 258 -12.47 -13.88 -1.88
CA MET A 258 -12.93 -12.57 -1.56
C MET A 258 -12.18 -12.10 -0.33
N ALA A 259 -11.56 -10.92 -0.41
CA ALA A 259 -10.76 -10.40 0.71
C ALA A 259 -10.93 -8.89 0.71
N VAL A 260 -11.41 -8.35 1.83
CA VAL A 260 -11.83 -6.97 1.90
C VAL A 260 -11.04 -6.38 3.07
N CYS A 261 -10.46 -5.20 2.85
CA CYS A 261 -9.83 -4.44 3.93
C CYS A 261 -10.88 -3.45 4.42
N VAL A 262 -11.36 -3.63 5.64
CA VAL A 262 -12.45 -2.78 6.22
CA VAL A 262 -12.45 -2.78 6.17
C VAL A 262 -12.00 -1.32 6.26
N ASN A 263 -10.77 -1.08 6.70
CA ASN A 263 -10.26 0.32 6.67
C ASN A 263 -10.26 1.03 5.31
N MET A 264 -9.77 0.34 4.29
CA MET A 264 -9.78 0.86 2.96
C MET A 264 -11.19 1.17 2.47
N LYS A 265 -12.14 0.31 2.83
CA LYS A 265 -13.54 0.52 2.50
C LYS A 265 -14.27 1.60 3.34
N LYS A 266 -13.61 2.24 4.31
CA LYS A 266 -14.24 3.35 5.03
C LYS A 266 -14.50 4.56 4.17
N ASN A 267 -13.77 4.69 3.06
CA ASN A 267 -13.98 5.83 2.15
C ASN A 267 -15.07 5.50 1.15
N THR A 268 -16.00 6.44 1.00
CA THR A 268 -17.21 6.24 0.25
C THR A 268 -17.40 7.47 -0.59
N LEU A 269 -18.27 7.34 -1.60
CA LEU A 269 -18.65 8.54 -2.37
C LEU A 269 -19.20 9.63 -1.45
N GLU A 270 -20.00 9.26 -0.46
CA GLU A 270 -20.67 10.26 0.40
C GLU A 270 -19.66 11.03 1.24
N ASN A 271 -18.80 10.34 1.97
CA ASN A 271 -17.79 11.04 2.78
C ASN A 271 -16.68 11.70 1.93
N THR A 272 -16.43 11.19 0.73
CA THR A 272 -15.52 11.87 -0.21
C THR A 272 -16.10 13.23 -0.66
N LEU A 273 -17.40 13.23 -0.99
CA LEU A 273 -18.13 14.49 -1.24
C LEU A 273 -18.06 15.46 -0.04
N HIS A 274 -18.33 14.97 1.18
CA HIS A 274 -18.22 15.84 2.38
C HIS A 274 -16.83 16.45 2.55
N ALA A 275 -15.81 15.64 2.26
CA ALA A 275 -14.43 16.06 2.34
C ALA A 275 -14.19 17.23 1.40
N LEU A 276 -14.69 17.15 0.17
CA LEU A 276 -14.50 18.22 -0.79
C LEU A 276 -15.35 19.47 -0.49
N GLN A 277 -16.51 19.29 0.12
CA GLN A 277 -17.35 20.40 0.51
C GLN A 277 -16.75 21.17 1.67
N THR A 278 -16.28 20.45 2.68
CA THR A 278 -15.75 21.09 3.88
C THR A 278 -14.25 21.34 3.82
N GLU A 279 -13.59 20.73 2.84
CA GLU A 279 -12.13 20.70 2.76
C GLU A 279 -11.48 20.12 4.04
N SER A 280 -12.08 19.04 4.52
CA SER A 280 -11.64 18.36 5.76
C SER A 280 -11.58 16.87 5.44
N PHE A 281 -10.83 16.03 6.17
CA PHE A 281 -10.01 16.34 7.34
C PHE A 281 -8.56 16.43 6.95
N GLU A 282 -7.96 17.55 7.32
CA GLU A 282 -6.59 17.82 7.02
C GLU A 282 -5.65 16.90 7.76
N VAL A 283 -4.69 16.36 7.02
CA VAL A 283 -3.62 15.56 7.58
C VAL A 283 -2.57 16.52 8.07
N ILE A 284 -2.26 16.44 9.36
CA ILE A 284 -1.33 17.37 10.03
C ILE A 284 -0.34 16.58 10.82
N LEU A 285 0.95 16.85 10.62
CA LEU A 285 1.99 16.28 11.46
C LEU A 285 2.81 17.42 12.09
N PRO A 286 3.34 17.22 13.31
CA PRO A 286 4.34 18.20 13.79
C PRO A 286 5.52 18.34 12.82
N LYS A 287 6.03 19.56 12.62
CA LYS A 287 7.19 19.79 11.73
C LYS A 287 8.35 18.87 12.06
N GLU A 288 8.55 18.67 13.37
CA GLU A 288 9.60 17.79 13.88
CA GLU A 288 9.62 17.79 13.87
C GLU A 288 9.47 16.39 13.28
N VAL A 289 8.24 15.87 13.25
CA VAL A 289 7.98 14.55 12.70
C VAL A 289 8.29 14.51 11.21
N ILE A 290 7.83 15.54 10.51
CA ILE A 290 8.11 15.63 9.10
C ILE A 290 9.61 15.63 8.80
N GLU A 291 10.35 16.50 9.50
CA GLU A 291 11.80 16.65 9.31
CA GLU A 291 11.78 16.63 9.24
C GLU A 291 12.53 15.34 9.59
N LYS A 292 12.09 14.62 10.63
CA LYS A 292 12.73 13.37 11.00
C LYS A 292 12.34 12.23 10.06
N ALA A 293 11.04 12.12 9.76
CA ALA A 293 10.54 10.97 8.97
C ALA A 293 10.98 11.00 7.51
N LYS A 294 11.25 12.19 6.99
CA LYS A 294 11.62 12.27 5.60
C LYS A 294 12.99 11.63 5.30
N LYS A 295 13.89 11.57 6.27
CA LYS A 295 15.23 10.99 6.05
C LYS A 295 15.18 9.52 5.61
N PRO A 296 14.46 8.63 6.35
CA PRO A 296 14.35 7.25 5.85
C PRO A 296 13.56 7.12 4.53
N ILE A 297 12.66 8.05 4.24
CA ILE A 297 11.89 7.99 2.99
C ILE A 297 12.78 8.38 1.82
N LEU A 298 13.51 9.46 1.94
CA LEU A 298 14.49 9.86 0.93
C LEU A 298 15.56 8.81 0.74
N ARG A 299 15.98 8.17 1.81
CA ARG A 299 16.96 7.12 1.69
C ARG A 299 16.42 5.94 0.85
N MET A 300 15.10 5.68 0.93
CA MET A 300 14.44 4.63 0.11
C MET A 300 14.66 4.94 -1.34
N PHE A 301 14.34 6.16 -1.74
CA PHE A 301 14.53 6.61 -3.10
C PHE A 301 15.99 6.57 -3.57
N GLU A 302 16.96 6.83 -2.68
CA GLU A 302 18.39 6.70 -3.04
C GLU A 302 18.79 5.28 -3.34
N LEU A 303 18.15 4.33 -2.66
CA LEU A 303 18.45 2.91 -2.78
C LEU A 303 17.73 2.24 -3.93
N MET A 304 16.83 2.97 -4.58
CA MET A 304 16.16 2.50 -5.80
C MET A 304 16.88 3.01 -7.06
N GLY A 305 17.40 4.23 -6.99
CA GLY A 305 18.15 4.83 -8.10
C GLY A 305 18.37 6.33 -7.94
FE1 SF4 B . -3.79 -5.23 5.07
FE2 SF4 B . -5.63 -3.19 5.10
FE3 SF4 B . -3.13 -2.94 3.69
FE4 SF4 B . -3.23 -2.81 6.42
S1 SF4 B . -4.14 -1.31 5.05
S2 SF4 B . -1.74 -4.17 5.07
S3 SF4 B . -4.98 -4.36 6.91
S4 SF4 B . -4.94 -4.49 3.27
OAC 5UK C . 3.44 -1.03 -0.34
CAJ 5UK C . 2.59 -1.44 -1.13
OAE 5UK C . 2.90 -1.98 -2.19
CAL 5UK C . 1.21 -1.28 -0.79
NAA 5UK C . 0.94 -0.09 -0.55
CAN 5UK C . 0.13 -2.36 -0.88
CAK 5UK C . 0.32 -2.87 -2.25
OAF 5UK C . 0.60 -4.05 -2.56
OAD 5UK C . 0.19 -2.02 -3.09
CAI 5UK C . 0.03 -3.51 0.12
CAM 5UK C . -0.33 -3.13 1.53
CAH 5UK C . -0.90 -1.82 1.97
OAB 5UK C . -2.32 -1.91 2.11
OAG 5UK C . -0.13 -3.92 2.41
S SO4 D . -18.38 -6.95 -14.21
O1 SO4 D . -17.30 -6.96 -15.23
O2 SO4 D . -19.45 -7.92 -14.56
O3 SO4 D . -18.99 -5.61 -14.14
O4 SO4 D . -17.78 -7.31 -12.90
S SO4 E . 5.74 3.00 -12.03
O1 SO4 E . 5.62 1.94 -10.99
O2 SO4 E . 4.66 2.84 -13.02
O3 SO4 E . 5.64 4.33 -11.39
O4 SO4 E . 7.05 2.88 -12.71
S SO4 F . 24.09 3.81 -1.91
O1 SO4 F . 25.39 4.02 -2.60
O2 SO4 F . 23.60 2.47 -2.29
O3 SO4 F . 23.11 4.83 -2.32
O4 SO4 F . 24.28 3.89 -0.45
#